data_1JN2
#
_entry.id   1JN2
#
_cell.length_a   106.00
_cell.length_b   117.3
_cell.length_c   126.0
_cell.angle_alpha   90
_cell.angle_beta   90
_cell.angle_gamma   90
#
_symmetry.space_group_name_H-M   'F 2 2 2'
#
loop_
_entity.id
_entity.type
_entity.pdbx_description
1 polymer Concanavalin-A
2 non-polymer 'CALCIUM ION'
3 non-polymer 'MANGANESE (II) ION'
4 non-polymer 5,10,15,20-TETRAKIS(4-SULPFONATOPHENYL)-21H,23H-PORPHINE
5 water water
#
_entity_poly.entity_id   1
_entity_poly.type   'polypeptide(L)'
_entity_poly.pdbx_seq_one_letter_code
;ADTIVAVELDTYPNTDIGDPSYPHIGIDIKSVRSKKTAKWNMQNGKVGTAHIIYNSVDKRLSAVVSYPNADSATVSYDVD
LDNVLPEWVRVGLSASTGLYKETNTILSWSFTSKLKSNSTHETNALHFMFNQFSKDQKDLILQGDATTGTDGNLELTRVS
SNGSPQGSSVGRALFYAPVHIWESSAVVASFEATFTFLIKSPDSHPADGIAFFISNIDSSIPSGSTGRLLGLFPDAN
;
_entity_poly.pdbx_strand_id   P
#
loop_
_chem_comp.id
_chem_comp.type
_chem_comp.name
_chem_comp.formula
CA non-polymer 'CALCIUM ION' 'Ca 2'
MN non-polymer 'MANGANESE (II) ION' 'Mn 2'
SFP non-polymer 5,10,15,20-TETRAKIS(4-SULPFONATOPHENYL)-21H,23H-PORPHINE 'C44 H34 N4 O12 S4 -4'
#
# COMPACT_ATOMS: atom_id res chain seq x y z
N ALA A 1 15.05 -3.17 -10.97
CA ALA A 1 14.21 -3.66 -12.10
C ALA A 1 12.74 -3.27 -11.87
N ASP A 2 12.22 -3.59 -10.68
CA ASP A 2 10.83 -3.26 -10.36
C ASP A 2 10.53 -1.74 -10.40
N THR A 3 9.41 -1.38 -11.04
CA THR A 3 8.98 0.03 -11.07
C THR A 3 7.90 0.10 -10.00
N ILE A 4 8.10 0.95 -8.98
CA ILE A 4 7.12 1.05 -7.88
C ILE A 4 6.58 2.44 -7.60
N VAL A 5 5.27 2.52 -7.43
CA VAL A 5 4.61 3.76 -7.05
C VAL A 5 3.85 3.34 -5.79
N ALA A 6 4.08 4.01 -4.67
CA ALA A 6 3.41 3.61 -3.45
C ALA A 6 2.95 4.76 -2.53
N VAL A 7 1.96 4.47 -1.70
CA VAL A 7 1.53 5.41 -0.70
C VAL A 7 1.89 4.64 0.58
N GLU A 8 2.82 5.18 1.37
CA GLU A 8 3.23 4.50 2.60
C GLU A 8 2.61 5.10 3.84
N LEU A 9 2.25 4.25 4.80
CA LEU A 9 1.75 4.63 6.11
C LEU A 9 3.00 4.21 6.91
N ASP A 10 3.94 5.13 7.06
CA ASP A 10 5.22 4.87 7.72
C ASP A 10 5.23 5.10 9.22
N THR A 11 5.23 4.02 9.99
CA THR A 11 5.16 4.16 11.44
C THR A 11 6.51 4.41 12.16
N TYR A 12 7.66 4.20 11.51
CA TYR A 12 8.95 4.39 12.23
C TYR A 12 9.88 5.37 11.57
N PRO A 13 10.34 6.41 12.31
CA PRO A 13 11.23 7.41 11.68
C PRO A 13 12.66 6.99 11.45
N ASN A 14 13.03 6.76 10.20
CA ASN A 14 14.39 6.40 9.84
C ASN A 14 14.93 7.68 9.25
N THR A 15 15.28 8.59 10.14
CA THR A 15 15.75 9.90 9.71
C THR A 15 16.96 9.88 8.78
N ASP A 16 17.77 8.85 8.84
CA ASP A 16 18.94 8.84 7.95
C ASP A 16 18.61 8.59 6.49
N ILE A 17 17.44 8.03 6.17
CA ILE A 17 17.14 7.83 4.76
C ILE A 17 16.03 8.80 4.32
N GLY A 18 15.88 9.90 5.06
CA GLY A 18 14.92 10.89 4.66
C GLY A 18 13.62 11.06 5.40
N ASP A 19 13.24 10.11 6.26
CA ASP A 19 11.98 10.24 6.96
C ASP A 19 12.00 11.45 7.85
N PRO A 20 10.82 12.04 8.09
CA PRO A 20 10.67 13.19 8.98
C PRO A 20 10.85 12.51 10.34
N SER A 21 11.03 13.27 11.41
CA SER A 21 11.24 12.65 12.70
C SER A 21 9.96 12.23 13.39
N TYR A 22 8.92 11.89 12.62
CA TYR A 22 7.64 11.42 13.22
C TYR A 22 6.91 10.42 12.28
N PRO A 23 5.91 9.68 12.80
CA PRO A 23 5.18 8.74 11.91
C PRO A 23 4.53 9.62 10.83
N HIS A 24 4.47 9.14 9.59
CA HIS A 24 3.96 9.97 8.53
C HIS A 24 3.39 9.14 7.40
N ILE A 25 2.69 9.79 6.47
CA ILE A 25 2.21 9.09 5.26
C ILE A 25 2.97 9.77 4.15
N GLY A 26 3.25 8.99 3.10
CA GLY A 26 4.02 9.57 2.01
C GLY A 26 3.73 8.95 0.67
N ILE A 27 4.10 9.67 -0.36
CA ILE A 27 3.95 9.22 -1.73
C ILE A 27 5.35 8.92 -2.19
N ASP A 28 5.58 7.66 -2.55
CA ASP A 28 6.88 7.15 -3.02
C ASP A 28 6.84 6.80 -4.50
N ILE A 29 7.69 7.46 -5.27
CA ILE A 29 7.76 7.21 -6.72
C ILE A 29 9.14 6.65 -7.01
N LYS A 30 9.23 5.34 -7.21
CA LYS A 30 10.51 4.69 -7.53
C LYS A 30 11.60 4.79 -6.47
N SER A 31 11.28 5.25 -5.27
CA SER A 31 12.30 5.35 -4.23
C SER A 31 11.61 5.40 -2.89
N VAL A 32 12.24 4.85 -1.85
CA VAL A 32 11.67 4.86 -0.53
C VAL A 32 11.73 6.29 0.04
N ARG A 33 12.46 7.19 -0.59
CA ARG A 33 12.51 8.57 -0.08
C ARG A 33 11.34 9.35 -0.65
N SER A 34 10.27 9.40 0.13
CA SER A 34 9.03 9.99 -0.29
C SER A 34 9.20 11.36 -0.93
N LYS A 35 8.49 11.59 -2.02
CA LYS A 35 8.50 12.86 -2.71
C LYS A 35 7.70 13.85 -1.88
N LYS A 36 6.82 13.34 -1.02
CA LYS A 36 6.01 14.24 -0.23
C LYS A 36 5.50 13.42 0.96
N THR A 37 5.41 14.04 2.14
CA THR A 37 4.94 13.39 3.34
C THR A 37 4.04 14.31 4.12
N ALA A 38 3.30 13.75 5.06
CA ALA A 38 2.45 14.52 5.91
C ALA A 38 2.50 13.89 7.30
N LYS A 39 2.44 14.70 8.33
CA LYS A 39 2.48 14.13 9.66
C LYS A 39 1.28 13.24 9.88
N TRP A 40 1.48 12.10 10.55
CA TRP A 40 0.39 11.18 10.79
C TRP A 40 0.34 10.80 12.27
N ASN A 41 -0.80 11.03 12.91
CA ASN A 41 -0.99 10.70 14.33
C ASN A 41 -1.51 9.30 14.51
N MET A 42 -0.62 8.34 14.33
CA MET A 42 -0.96 6.93 14.41
C MET A 42 -1.55 6.55 15.76
N GLN A 43 -2.46 5.59 15.76
CA GLN A 43 -3.08 5.15 16.99
C GLN A 43 -2.85 3.69 17.18
N ASN A 44 -2.02 3.34 18.16
CA ASN A 44 -1.74 1.95 18.44
C ASN A 44 -3.05 1.25 18.78
N GLY A 45 -3.36 0.16 18.08
CA GLY A 45 -4.57 -0.58 18.41
C GLY A 45 -5.93 -0.16 17.90
N LYS A 46 -6.05 0.94 17.16
CA LYS A 46 -7.38 1.35 16.63
C LYS A 46 -7.40 1.04 15.13
N VAL A 47 -8.57 0.66 14.62
CA VAL A 47 -8.70 0.38 13.18
C VAL A 47 -8.72 1.67 12.35
N GLY A 48 -7.76 1.85 11.44
CA GLY A 48 -7.77 3.04 10.61
C GLY A 48 -8.28 2.74 9.18
N THR A 49 -8.44 3.81 8.37
CA THR A 49 -8.88 3.71 6.98
C THR A 49 -8.05 4.60 6.11
N ALA A 50 -7.61 4.05 4.97
CA ALA A 50 -6.84 4.84 4.01
C ALA A 50 -7.63 4.86 2.67
N HIS A 51 -7.73 6.03 2.02
CA HIS A 51 -8.36 6.14 0.68
C HIS A 51 -7.29 6.72 -0.25
N ILE A 52 -7.08 6.09 -1.40
CA ILE A 52 -6.08 6.59 -2.35
C ILE A 52 -6.85 6.83 -3.66
N ILE A 53 -6.65 8.01 -4.26
CA ILE A 53 -7.37 8.33 -5.49
C ILE A 53 -6.42 8.96 -6.49
N TYR A 54 -6.72 8.76 -7.76
CA TYR A 54 -5.93 9.34 -8.81
C TYR A 54 -6.76 9.49 -10.08
N ASN A 55 -6.58 10.57 -10.84
CA ASN A 55 -7.27 10.64 -12.12
C ASN A 55 -6.29 11.31 -13.07
N SER A 56 -6.37 10.91 -14.34
CA SER A 56 -5.49 11.41 -15.40
C SER A 56 -5.75 12.83 -15.90
N VAL A 57 -6.84 13.46 -15.47
CA VAL A 57 -7.11 14.86 -15.88
C VAL A 57 -6.22 15.78 -15.02
N ASP A 58 -6.36 15.66 -13.70
CA ASP A 58 -5.53 16.45 -12.77
C ASP A 58 -4.12 15.86 -12.65
N LYS A 59 -3.95 14.56 -12.91
CA LYS A 59 -2.62 13.92 -12.76
C LYS A 59 -2.15 14.17 -11.34
N ARG A 60 -3.05 13.94 -10.37
CA ARG A 60 -2.75 14.15 -8.97
C ARG A 60 -3.05 12.86 -8.15
N LEU A 61 -2.05 12.35 -7.46
CA LEU A 61 -2.23 11.15 -6.63
C LEU A 61 -2.44 11.66 -5.21
N SER A 62 -3.56 11.32 -4.59
CA SER A 62 -3.81 11.79 -3.24
C SER A 62 -4.21 10.65 -2.33
N ALA A 63 -4.04 10.87 -1.02
CA ALA A 63 -4.36 9.86 -0.04
C ALA A 63 -4.78 10.51 1.25
N VAL A 64 -5.69 9.84 1.94
CA VAL A 64 -6.20 10.30 3.22
C VAL A 64 -6.19 9.10 4.18
N VAL A 65 -5.73 9.30 5.42
CA VAL A 65 -5.78 8.20 6.37
C VAL A 65 -6.54 8.83 7.54
N SER A 66 -7.48 8.08 8.10
CA SER A 66 -8.30 8.54 9.21
C SER A 66 -8.70 7.45 10.18
N TYR A 67 -9.10 7.89 11.37
CA TYR A 67 -9.56 6.98 12.44
C TYR A 67 -10.89 7.55 12.87
N PRO A 68 -11.80 6.70 13.33
CA PRO A 68 -13.11 7.25 13.75
C PRO A 68 -12.87 8.30 14.84
N ASN A 69 -13.69 9.34 14.85
CA ASN A 69 -13.54 10.39 15.85
C ASN A 69 -12.05 10.71 16.08
N ALA A 70 -11.43 11.32 15.07
CA ALA A 70 -10.02 11.70 15.14
C ALA A 70 -9.69 12.44 13.85
N ASP A 71 -8.54 13.06 13.77
CA ASP A 71 -8.27 13.79 12.54
C ASP A 71 -7.63 12.92 11.50
N SER A 72 -7.84 13.32 10.25
CA SER A 72 -7.30 12.58 9.14
C SER A 72 -6.07 13.31 8.64
N ALA A 73 -5.14 12.58 8.06
CA ALA A 73 -3.95 13.15 7.48
C ALA A 73 -4.09 12.98 5.96
N THR A 74 -3.72 13.97 5.15
CA THR A 74 -3.84 13.82 3.70
C THR A 74 -2.53 14.29 3.10
N VAL A 75 -2.20 13.76 1.92
CA VAL A 75 -0.98 14.14 1.23
C VAL A 75 -1.28 13.98 -0.24
N SER A 76 -0.78 14.88 -1.08
CA SER A 76 -1.02 14.84 -2.52
C SER A 76 0.22 15.14 -3.28
N TYR A 77 0.29 14.68 -4.52
CA TYR A 77 1.49 14.90 -5.29
C TYR A 77 1.11 14.83 -6.76
N ASP A 78 1.64 15.77 -7.55
CA ASP A 78 1.36 15.83 -8.98
C ASP A 78 2.28 14.86 -9.65
N VAL A 79 1.69 13.89 -10.32
CA VAL A 79 2.48 12.88 -11.02
C VAL A 79 1.68 12.31 -12.19
N ASP A 80 2.34 12.27 -13.34
CA ASP A 80 1.80 11.77 -14.57
C ASP A 80 2.19 10.29 -14.56
N LEU A 81 1.28 9.39 -14.16
CA LEU A 81 1.63 7.97 -14.10
C LEU A 81 1.99 7.33 -15.44
N ASP A 82 1.51 7.90 -16.54
CA ASP A 82 1.78 7.39 -17.89
C ASP A 82 3.27 7.39 -18.17
N ASN A 83 3.97 8.27 -17.44
CA ASN A 83 5.41 8.42 -17.60
C ASN A 83 6.22 7.57 -16.66
N VAL A 84 5.59 7.09 -15.60
CA VAL A 84 6.29 6.31 -14.59
C VAL A 84 6.03 4.81 -14.66
N LEU A 85 4.76 4.43 -14.85
CA LEU A 85 4.41 3.02 -14.87
C LEU A 85 4.18 2.45 -16.24
N PRO A 86 4.37 1.12 -16.40
CA PRO A 86 4.16 0.42 -17.68
C PRO A 86 2.63 0.55 -17.85
N GLU A 87 2.03 0.23 -18.99
CA GLU A 87 0.58 0.41 -19.01
C GLU A 87 -0.22 -0.72 -18.34
N TRP A 88 0.43 -1.86 -18.11
CA TRP A 88 -0.21 -2.97 -17.39
C TRP A 88 0.58 -3.12 -16.08
N VAL A 89 -0.10 -3.15 -14.94
CA VAL A 89 0.53 -3.26 -13.61
C VAL A 89 -0.26 -4.23 -12.73
N ARG A 90 0.24 -4.49 -11.53
CA ARG A 90 -0.55 -5.25 -10.54
C ARG A 90 -0.64 -4.27 -9.37
N VAL A 91 -1.69 -4.38 -8.54
CA VAL A 91 -1.80 -3.47 -7.41
C VAL A 91 -1.75 -4.35 -6.22
N GLY A 92 -1.26 -3.82 -5.11
CA GLY A 92 -1.17 -4.67 -3.93
C GLY A 92 -0.94 -3.89 -2.67
N LEU A 93 -0.77 -4.64 -1.60
CA LEU A 93 -0.53 -4.09 -0.26
C LEU A 93 0.76 -4.79 0.28
N SER A 94 1.59 -4.02 0.96
CA SER A 94 2.85 -4.52 1.46
C SER A 94 3.06 -4.03 2.91
N ALA A 95 3.75 -4.81 3.76
CA ALA A 95 4.05 -4.30 5.12
C ALA A 95 5.33 -4.96 5.60
N SER A 96 5.99 -4.40 6.60
CA SER A 96 7.17 -5.11 7.11
C SER A 96 7.43 -4.74 8.55
N THR A 97 8.35 -5.49 9.17
CA THR A 97 8.81 -5.19 10.52
C THR A 97 10.31 -5.44 10.41
N GLY A 98 11.10 -4.90 11.33
CA GLY A 98 12.55 -5.08 11.21
C GLY A 98 13.05 -5.35 12.59
N LEU A 99 13.80 -4.40 13.13
CA LEU A 99 14.28 -4.53 14.49
C LEU A 99 13.11 -4.27 15.43
N TYR A 100 12.22 -3.36 15.04
CA TYR A 100 11.04 -3.07 15.84
C TYR A 100 9.83 -3.71 15.10
N LYS A 101 8.68 -3.77 15.76
CA LYS A 101 7.60 -4.51 15.15
C LYS A 101 6.19 -4.00 15.47
N GLU A 102 5.19 -4.58 14.80
CA GLU A 102 3.80 -4.19 14.98
C GLU A 102 3.02 -5.23 14.16
N THR A 103 1.73 -5.40 14.45
CA THR A 103 0.91 -6.26 13.60
C THR A 103 0.59 -5.36 12.37
N ASN A 104 0.43 -5.97 11.18
CA ASN A 104 0.06 -5.17 10.00
C ASN A 104 -1.17 -5.87 9.40
N THR A 105 -2.26 -5.76 10.15
CA THR A 105 -3.51 -6.42 9.80
C THR A 105 -4.41 -5.64 8.84
N ILE A 106 -4.87 -6.29 7.75
CA ILE A 106 -5.76 -5.65 6.78
C ILE A 106 -7.12 -6.32 6.98
N LEU A 107 -8.14 -5.51 7.29
CA LEU A 107 -9.54 -5.95 7.54
C LEU A 107 -10.39 -5.96 6.28
N SER A 108 -10.13 -5.04 5.35
CA SER A 108 -10.86 -5.04 4.09
C SER A 108 -10.08 -4.27 3.06
N TRP A 109 -10.39 -4.48 1.79
CA TRP A 109 -9.66 -3.78 0.76
C TRP A 109 -10.50 -3.77 -0.49
N SER A 110 -10.63 -2.60 -1.11
CA SER A 110 -11.43 -2.52 -2.35
C SER A 110 -10.67 -1.61 -3.34
N PHE A 111 -10.87 -1.88 -4.62
CA PHE A 111 -10.17 -1.16 -5.65
C PHE A 111 -11.06 -0.99 -6.89
N THR A 112 -10.98 0.17 -7.52
CA THR A 112 -11.72 0.41 -8.74
C THR A 112 -10.82 1.15 -9.73
N SER A 113 -10.76 0.67 -10.97
CA SER A 113 -9.90 1.29 -12.01
C SER A 113 -10.80 1.48 -13.23
N LYS A 114 -10.71 2.63 -13.90
CA LYS A 114 -11.55 2.89 -15.11
C LYS A 114 -10.76 3.59 -16.20
N LEU A 115 -11.00 3.17 -17.43
CA LEU A 115 -10.40 3.75 -18.62
C LEU A 115 -11.52 4.12 -19.58
N LYS A 116 -11.87 5.41 -19.63
CA LYS A 116 -12.87 5.99 -20.52
C LYS A 116 -12.09 6.46 -21.75
N SER A 117 -12.29 5.77 -22.88
CA SER A 117 -11.61 6.03 -24.16
C SER A 117 -12.31 6.88 -25.23
N ASN A 118 -11.53 7.21 -26.27
CA ASN A 118 -11.97 8.01 -27.41
C ASN A 118 -13.00 7.29 -28.27
N SER A 119 -14.14 6.99 -27.66
CA SER A 119 -15.22 6.30 -28.35
C SER A 119 -16.41 6.40 -27.42
N THR A 120 -16.13 6.84 -26.19
CA THR A 120 -17.15 7.00 -25.15
C THR A 120 -17.99 5.75 -24.96
N HIS A 121 -18.52 5.56 -23.76
CA HIS A 121 -19.31 4.37 -23.43
C HIS A 121 -18.55 3.13 -23.94
N GLU A 122 -17.27 3.35 -24.21
CA GLU A 122 -16.32 2.34 -24.66
C GLU A 122 -15.30 2.36 -23.50
N THR A 123 -15.88 2.32 -22.31
CA THR A 123 -15.20 2.34 -21.02
C THR A 123 -14.81 0.94 -20.60
N ASN A 124 -13.56 0.72 -20.24
CA ASN A 124 -13.15 -0.56 -19.69
C ASN A 124 -13.01 -0.33 -18.17
N ALA A 125 -13.47 -1.26 -17.33
CA ALA A 125 -13.39 -1.07 -15.86
C ALA A 125 -13.06 -2.34 -15.08
N LEU A 126 -12.46 -2.18 -13.90
CA LEU A 126 -12.18 -3.33 -13.05
C LEU A 126 -12.49 -2.90 -11.62
N HIS A 127 -13.21 -3.73 -10.89
CA HIS A 127 -13.52 -3.40 -9.51
C HIS A 127 -13.51 -4.66 -8.66
N PHE A 128 -12.87 -4.58 -7.50
CA PHE A 128 -12.94 -5.75 -6.60
C PHE A 128 -13.09 -5.21 -5.20
N MET A 129 -13.67 -6.03 -4.35
CA MET A 129 -13.91 -5.63 -2.97
C MET A 129 -13.84 -6.84 -2.05
N PHE A 130 -12.94 -6.76 -1.06
CA PHE A 130 -12.78 -7.82 -0.08
C PHE A 130 -13.21 -7.30 1.30
N ASN A 131 -14.27 -7.85 1.87
CA ASN A 131 -14.66 -7.42 3.23
C ASN A 131 -14.31 -8.52 4.21
N GLN A 132 -13.90 -9.64 3.65
CA GLN A 132 -13.51 -10.81 4.43
C GLN A 132 -12.47 -11.57 3.60
N PHE A 133 -11.40 -12.08 4.21
CA PHE A 133 -10.44 -12.88 3.44
C PHE A 133 -10.60 -14.37 3.87
N SER A 134 -10.55 -15.29 2.90
CA SER A 134 -10.70 -16.72 3.17
C SER A 134 -9.36 -17.36 3.37
N LYS A 135 -9.36 -18.56 3.93
CA LYS A 135 -8.11 -19.23 4.17
C LYS A 135 -7.42 -19.53 2.87
N ASP A 136 -8.17 -19.79 1.82
CA ASP A 136 -7.53 -20.04 0.55
C ASP A 136 -8.11 -19.00 -0.41
N GLN A 137 -7.49 -17.83 -0.42
CA GLN A 137 -7.98 -16.72 -1.22
C GLN A 137 -7.19 -16.88 -2.51
N LYS A 138 -7.79 -17.55 -3.48
CA LYS A 138 -7.09 -17.81 -4.76
C LYS A 138 -6.93 -16.63 -5.69
N ASP A 139 -7.63 -15.51 -5.43
CA ASP A 139 -7.47 -14.34 -6.32
C ASP A 139 -6.45 -13.35 -5.79
N LEU A 140 -5.70 -13.76 -4.77
CA LEU A 140 -4.62 -12.92 -4.25
C LEU A 140 -3.31 -13.65 -4.39
N ILE A 141 -2.26 -12.98 -4.87
CA ILE A 141 -0.93 -13.60 -4.92
C ILE A 141 -0.30 -13.20 -3.58
N LEU A 142 0.04 -14.17 -2.72
CA LEU A 142 0.63 -13.87 -1.42
C LEU A 142 2.12 -14.03 -1.48
N GLN A 143 2.89 -13.04 -1.03
CA GLN A 143 4.35 -13.14 -1.09
C GLN A 143 4.92 -12.99 0.31
N GLY A 144 6.12 -13.58 0.52
CA GLY A 144 6.75 -13.50 1.84
C GLY A 144 5.89 -14.05 2.96
N ASP A 145 5.82 -13.35 4.09
CA ASP A 145 5.06 -13.87 5.24
C ASP A 145 3.56 -13.62 5.22
N ALA A 146 3.01 -13.03 4.15
CA ALA A 146 1.59 -12.73 4.19
C ALA A 146 0.69 -13.94 4.26
N THR A 147 -0.35 -13.90 5.07
CA THR A 147 -1.31 -15.01 5.14
C THR A 147 -2.72 -14.47 5.36
N THR A 148 -3.71 -15.30 5.03
CA THR A 148 -5.12 -14.94 5.17
C THR A 148 -5.82 -16.02 5.97
N GLY A 149 -7.03 -15.71 6.44
CA GLY A 149 -7.80 -16.69 7.18
C GLY A 149 -7.99 -16.41 8.65
N THR A 150 -6.97 -15.85 9.29
CA THR A 150 -7.08 -15.53 10.71
C THR A 150 -8.24 -14.55 10.97
N ASP A 151 -9.38 -15.10 11.40
CA ASP A 151 -10.55 -14.31 11.69
C ASP A 151 -11.03 -13.57 10.44
N GLY A 152 -10.68 -14.07 9.24
CA GLY A 152 -11.11 -13.42 8.01
C GLY A 152 -10.29 -12.18 7.68
N ASN A 153 -9.07 -12.10 8.24
CA ASN A 153 -8.22 -10.97 7.94
C ASN A 153 -6.98 -11.37 7.17
N LEU A 154 -6.31 -10.38 6.61
CA LEU A 154 -5.06 -10.60 5.90
C LEU A 154 -3.97 -10.06 6.86
N GLU A 155 -3.06 -10.92 7.28
CA GLU A 155 -1.93 -10.53 8.14
C GLU A 155 -0.75 -10.41 7.16
N LEU A 156 -0.30 -9.19 6.88
CA LEU A 156 0.82 -9.04 5.93
C LEU A 156 2.16 -9.54 6.53
N THR A 157 2.35 -9.36 7.84
CA THR A 157 3.58 -9.84 8.46
C THR A 157 3.26 -10.88 9.55
N ARG A 158 4.30 -11.62 9.98
CA ARG A 158 4.13 -12.69 10.98
C ARG A 158 3.62 -12.25 12.31
N VAL A 159 2.62 -12.98 12.75
CA VAL A 159 2.01 -12.77 14.05
C VAL A 159 2.01 -14.17 14.64
N SER A 160 2.54 -14.32 15.85
CA SER A 160 2.57 -15.64 16.48
C SER A 160 1.16 -16.09 16.90
N SER A 161 1.06 -17.34 17.33
CA SER A 161 -0.22 -17.94 17.73
C SER A 161 -1.01 -17.19 18.82
N ASN A 162 -0.33 -16.42 19.67
CA ASN A 162 -1.02 -15.67 20.72
C ASN A 162 -1.31 -14.22 20.33
N GLY A 163 -0.91 -13.84 19.11
CA GLY A 163 -1.15 -12.48 18.64
C GLY A 163 0.03 -11.52 18.65
N SER A 164 1.18 -11.97 19.15
CA SER A 164 2.34 -11.10 19.18
C SER A 164 2.97 -10.90 17.79
N PRO A 165 3.23 -9.64 17.41
CA PRO A 165 3.84 -9.46 16.09
C PRO A 165 5.31 -9.86 16.22
N GLN A 166 5.90 -10.32 15.12
CA GLN A 166 7.31 -10.70 15.09
C GLN A 166 8.14 -9.70 14.27
N GLY A 167 9.41 -9.57 14.61
CA GLY A 167 10.28 -8.65 13.87
C GLY A 167 10.80 -9.33 12.64
N SER A 168 11.61 -8.62 11.85
CA SER A 168 12.21 -9.19 10.67
C SER A 168 11.24 -9.92 9.78
N SER A 169 10.06 -9.34 9.54
CA SER A 169 9.06 -9.98 8.66
C SER A 169 8.67 -9.03 7.54
N VAL A 170 8.32 -9.59 6.39
CA VAL A 170 7.87 -8.78 5.24
C VAL A 170 6.87 -9.66 4.50
N GLY A 171 5.79 -9.05 4.01
CA GLY A 171 4.75 -9.80 3.31
C GLY A 171 4.00 -8.89 2.34
N ARG A 172 3.45 -9.43 1.28
CA ARG A 172 2.71 -8.56 0.33
C ARG A 172 1.55 -9.34 -0.23
N ALA A 173 0.47 -8.66 -0.57
CA ALA A 173 -0.66 -9.35 -1.20
C ALA A 173 -0.95 -8.56 -2.50
N LEU A 174 -0.95 -9.22 -3.67
CA LEU A 174 -1.26 -8.52 -4.94
C LEU A 174 -2.54 -9.11 -5.53
N PHE A 175 -3.40 -8.28 -6.17
CA PHE A 175 -4.62 -8.84 -6.80
C PHE A 175 -4.13 -9.62 -8.05
N TYR A 176 -4.69 -10.80 -8.24
CA TYR A 176 -4.24 -11.71 -9.30
C TYR A 176 -4.19 -11.16 -10.72
N ALA A 177 -5.24 -10.46 -11.12
CA ALA A 177 -5.33 -9.92 -12.49
C ALA A 177 -4.55 -8.65 -12.69
N PRO A 178 -3.81 -8.55 -13.79
CA PRO A 178 -3.04 -7.36 -14.11
C PRO A 178 -4.12 -6.33 -14.34
N VAL A 179 -3.77 -5.07 -14.19
CA VAL A 179 -4.74 -4.00 -14.31
C VAL A 179 -4.23 -3.07 -15.40
N HIS A 180 -5.13 -2.62 -16.27
CA HIS A 180 -4.75 -1.74 -17.38
C HIS A 180 -4.88 -0.31 -16.82
N ILE A 181 -3.75 0.25 -16.35
CA ILE A 181 -3.81 1.52 -15.63
C ILE A 181 -3.84 2.79 -16.48
N TRP A 182 -3.34 2.70 -17.70
CA TRP A 182 -3.42 3.84 -18.60
C TRP A 182 -3.27 3.27 -19.99
N GLU A 183 -3.70 4.03 -20.98
CA GLU A 183 -3.65 3.62 -22.38
C GLU A 183 -3.66 5.01 -22.99
N SER A 184 -2.77 5.22 -23.98
CA SER A 184 -2.62 6.54 -24.63
C SER A 184 -3.84 7.15 -25.31
N SER A 185 -4.78 6.32 -25.79
CA SER A 185 -5.98 6.84 -26.45
C SER A 185 -7.12 7.05 -25.44
N ALA A 186 -6.82 7.00 -24.15
CA ALA A 186 -7.83 7.15 -23.11
C ALA A 186 -8.00 8.62 -22.75
N VAL A 187 -9.25 9.08 -22.76
CA VAL A 187 -9.59 10.45 -22.43
C VAL A 187 -9.39 10.72 -20.94
N VAL A 188 -9.82 9.78 -20.10
CA VAL A 188 -9.67 9.90 -18.66
C VAL A 188 -9.43 8.53 -18.07
N ALA A 189 -8.33 8.38 -17.33
CA ALA A 189 -8.03 7.12 -16.65
C ALA A 189 -8.08 7.47 -15.14
N SER A 190 -8.66 6.59 -14.32
CA SER A 190 -8.65 6.90 -12.90
C SER A 190 -8.75 5.65 -12.00
N PHE A 191 -8.37 5.78 -10.73
CA PHE A 191 -8.54 4.64 -9.84
C PHE A 191 -8.74 5.15 -8.46
N GLU A 192 -9.31 4.29 -7.62
CA GLU A 192 -9.59 4.56 -6.21
C GLU A 192 -9.34 3.25 -5.48
N ALA A 193 -8.67 3.34 -4.33
CA ALA A 193 -8.42 2.16 -3.49
C ALA A 193 -8.76 2.58 -2.06
N THR A 194 -9.31 1.65 -1.29
CA THR A 194 -9.64 1.86 0.12
C THR A 194 -9.23 0.63 0.92
N PHE A 195 -8.64 0.79 2.09
CA PHE A 195 -8.43 -0.41 2.92
C PHE A 195 -8.50 0.02 4.36
N THR A 196 -8.92 -0.90 5.23
CA THR A 196 -8.97 -0.63 6.66
C THR A 196 -7.86 -1.50 7.25
N PHE A 197 -7.20 -1.00 8.31
CA PHE A 197 -6.03 -1.72 8.85
C PHE A 197 -5.94 -1.58 10.35
N LEU A 198 -5.21 -2.52 10.95
CA LEU A 198 -5.02 -2.52 12.39
C LEU A 198 -3.55 -2.73 12.72
N ILE A 199 -2.93 -1.68 13.22
CA ILE A 199 -1.52 -1.74 13.61
C ILE A 199 -1.51 -1.69 15.13
N LYS A 200 -0.99 -2.74 15.72
CA LYS A 200 -0.92 -2.82 17.17
C LYS A 200 0.57 -3.17 17.50
N SER A 201 1.12 -2.57 18.54
CA SER A 201 2.47 -2.95 18.92
C SER A 201 2.66 -2.87 20.41
N PRO A 202 3.25 -3.90 21.02
CA PRO A 202 3.49 -3.92 22.45
C PRO A 202 4.70 -3.02 22.70
N ASP A 203 5.49 -2.79 21.63
CA ASP A 203 6.69 -1.94 21.69
C ASP A 203 6.37 -0.47 21.85
N SER A 204 7.35 0.26 22.36
CA SER A 204 7.25 1.71 22.57
C SER A 204 7.30 2.33 21.21
N HIS A 205 8.08 1.69 20.35
CA HIS A 205 8.24 2.13 19.00
C HIS A 205 7.80 1.06 18.03
N PRO A 206 6.67 1.28 17.36
CA PRO A 206 6.21 0.26 16.42
C PRO A 206 7.00 0.49 15.13
N ALA A 207 7.10 -0.54 14.29
CA ALA A 207 7.78 -0.39 12.98
C ALA A 207 7.33 -1.60 12.19
N ASP A 208 7.38 -1.58 10.85
CA ASP A 208 7.85 -0.46 10.08
C ASP A 208 6.76 0.24 9.25
N GLY A 209 5.63 -0.41 8.95
CA GLY A 209 4.64 0.34 8.17
C GLY A 209 3.93 -0.55 7.16
N ILE A 210 2.92 0.05 6.53
CA ILE A 210 2.10 -0.63 5.52
C ILE A 210 2.08 0.25 4.29
N ALA A 211 2.03 -0.34 3.08
CA ALA A 211 1.98 0.51 1.90
C ALA A 211 1.03 -0.07 0.85
N PHE A 212 0.36 0.81 0.11
CA PHE A 212 -0.47 0.41 -1.02
C PHE A 212 0.50 0.69 -2.19
N PHE A 213 0.64 -0.24 -3.13
CA PHE A 213 1.58 0.01 -4.20
C PHE A 213 1.08 -0.53 -5.57
N ILE A 214 1.67 0.00 -6.62
CA ILE A 214 1.34 -0.39 -8.00
C ILE A 214 2.72 -0.73 -8.56
N SER A 215 2.85 -1.86 -9.26
CA SER A 215 4.17 -2.24 -9.76
C SER A 215 4.04 -2.95 -11.08
N ASN A 216 5.20 -3.31 -11.64
CA ASN A 216 5.23 -4.07 -12.89
C ASN A 216 4.54 -5.40 -12.51
N ILE A 217 3.90 -6.08 -13.47
CA ILE A 217 3.12 -7.28 -13.13
C ILE A 217 3.88 -8.40 -12.44
N ASP A 218 5.17 -8.52 -12.73
CA ASP A 218 5.94 -9.60 -12.16
C ASP A 218 6.77 -9.18 -10.94
N SER A 219 6.41 -8.08 -10.31
CA SER A 219 7.16 -7.65 -9.12
C SER A 219 7.23 -8.74 -8.01
N SER A 220 8.38 -8.86 -7.34
CA SER A 220 8.51 -9.81 -6.22
C SER A 220 9.26 -9.06 -5.09
N ILE A 221 9.19 -9.57 -3.85
CA ILE A 221 9.87 -8.90 -2.76
C ILE A 221 11.38 -8.86 -3.01
N PRO A 222 12.00 -7.67 -2.99
CA PRO A 222 13.44 -7.49 -3.20
C PRO A 222 14.17 -8.04 -1.99
N SER A 223 15.33 -8.67 -2.22
CA SER A 223 16.12 -9.24 -1.12
C SER A 223 16.46 -8.18 -0.12
N GLY A 224 16.31 -8.49 1.17
CA GLY A 224 16.64 -7.55 2.23
C GLY A 224 15.74 -6.32 2.28
N SER A 225 14.46 -6.46 1.94
CA SER A 225 13.62 -5.30 1.98
C SER A 225 12.77 -5.36 3.22
N THR A 226 13.22 -6.08 4.22
CA THR A 226 12.47 -6.09 5.48
C THR A 226 12.78 -4.73 6.10
N GLY A 227 12.09 -4.40 7.20
CA GLY A 227 12.30 -3.14 7.87
C GLY A 227 11.86 -1.87 7.16
N ARG A 228 12.70 -0.84 7.23
CA ARG A 228 12.45 0.50 6.64
C ARG A 228 12.19 0.45 5.16
N LEU A 229 12.56 -0.65 4.49
CA LEU A 229 12.35 -0.70 3.04
C LEU A 229 10.94 -1.17 2.64
N LEU A 230 10.15 -1.50 3.66
CA LEU A 230 8.73 -1.83 3.48
C LEU A 230 8.34 -2.93 2.47
N GLY A 231 9.30 -3.78 2.15
CA GLY A 231 9.06 -4.88 1.21
C GLY A 231 8.96 -4.39 -0.22
N LEU A 232 9.34 -3.14 -0.45
CA LEU A 232 9.17 -2.56 -1.78
C LEU A 232 10.44 -2.21 -2.56
N PHE A 233 11.48 -1.79 -1.86
CA PHE A 233 12.71 -1.35 -2.51
C PHE A 233 13.91 -2.17 -2.05
N PRO A 234 14.87 -2.36 -2.97
CA PRO A 234 16.10 -3.12 -2.71
C PRO A 234 17.12 -2.31 -1.88
N ASP A 235 17.01 -0.99 -1.92
CA ASP A 235 17.93 -0.14 -1.15
C ASP A 235 17.28 1.20 -0.81
N ALA A 236 18.02 2.09 -0.16
CA ALA A 236 17.44 3.36 0.25
C ALA A 236 17.68 4.56 -0.67
N ASN A 237 18.04 4.33 -1.92
CA ASN A 237 18.24 5.47 -2.81
C ASN A 237 16.92 6.12 -3.22
CA CA B . 10.38 4.55 8.15
MN MN C . 8.89 7.23 5.27
C2 SFP D . 19.46 -0.32 14.37
C2A SFP D . 20.12 0.74 13.71
N2B SFP D . 20.83 1.50 14.66
CA SFP D . 20.06 1.02 12.33
C4C SFP D . 20.72 2.04 11.68
C3 SFP D . 20.63 2.32 10.33
C4 SFP D . 21.45 3.37 10.05
C4A SFP D . 22.06 3.76 11.26
N4B SFP D . 21.60 2.95 12.27
CB SFP D . 22.97 4.80 11.41
C6C SFP D . 23.53 5.23 12.63
C5 SFP D . 24.43 6.29 12.81
N6B SFP D . 23.22 4.69 13.91
C15 SFP D . 23.79 4.81 8.96
C16 SFP D . 24.10 5.49 7.81
C17 SFP D . 24.02 6.90 7.78
C18 SFP D . 23.61 7.65 8.90
C19 SFP D . 23.27 6.99 10.06
C20 SFP D . 23.36 5.55 10.11
C27 SFP D . 17.74 0.16 11.75
C28 SFP D . 19.14 0.14 11.44
C29 SFP D . 19.63 -0.64 10.35
C30 SFP D . 18.71 -1.39 9.58
C31 SFP D . 17.36 -1.37 9.91
C32 SFP D . 16.85 -0.61 10.99
S2 SFP D . 24.44 7.76 6.32
O5 SFP D . 24.85 6.85 5.30
O6 SFP D . 25.50 8.65 6.68
O7 SFP D . 23.20 8.56 5.86
S4 SFP D . 16.21 -2.30 8.98
O11 SFP D . 15.83 -3.40 9.78
O12 SFP D . 16.80 -2.76 7.76
O13 SFP D . 15.03 -1.39 8.71
#